data_4UUC
#
_entry.id   4UUC
#
_cell.length_a   43.215
_cell.length_b   64.375
_cell.length_c   89.603
_cell.angle_alpha   90.00
_cell.angle_beta   90.00
_cell.angle_gamma   90.00
#
_symmetry.space_group_name_H-M   'P 21 21 21'
#
loop_
_entity.id
_entity.type
_entity.pdbx_description
1 polymer 'ANKYRIN REPEAT AND SOCS BOX PROTEIN 11'
2 water water
#
_entity_poly.entity_id   1
_entity_poly.type   'polypeptide(L)'
_entity_poly.pdbx_seq_one_letter_code
;SMADRSPLHEAAAQGRLLALKTLIAQGVNVNLVTINRVSSLHEACLGGHVACAKALLENGAHVNGVTVHGATPLFNACCS
GSAACVNVLLEFGAKAQLEVHLASPIHEAVKRGHRECMEILLANNVNIDHEVPQLGTPLYVACTYQRVDCVKKLLELGAS
VDHGQWLDTPLHAAARQSNVEVIHLLTDYGANLKRRNAQGKSALDLAAPKSSVEQALLLREGPPAL
;
_entity_poly.pdbx_strand_id   A
#
# COMPACT_ATOMS: atom_id res chain seq x y z
N ARG A 5 20.62 -18.93 -1.34
CA ARG A 5 20.83 -17.48 -1.27
C ARG A 5 22.30 -17.14 -1.50
N SER A 6 22.55 -16.11 -2.31
CA SER A 6 23.89 -15.81 -2.81
C SER A 6 24.49 -14.54 -2.23
N PRO A 7 25.79 -14.33 -2.48
CA PRO A 7 26.42 -13.05 -2.12
C PRO A 7 25.71 -11.85 -2.75
N LEU A 8 25.23 -11.98 -3.99
CA LEU A 8 24.51 -10.90 -4.64
C LEU A 8 23.24 -10.54 -3.87
N HIS A 9 22.50 -11.55 -3.39
CA HIS A 9 21.31 -11.33 -2.59
C HIS A 9 21.64 -10.49 -1.37
N GLU A 10 22.75 -10.83 -0.72
CA GLU A 10 23.16 -10.16 0.51
C GLU A 10 23.62 -8.73 0.24
N ALA A 11 24.39 -8.52 -0.83
CA ALA A 11 24.81 -7.17 -1.20
C ALA A 11 23.58 -6.31 -1.48
N ALA A 12 22.62 -6.89 -2.19
CA ALA A 12 21.40 -6.19 -2.53
C ALA A 12 20.57 -5.85 -1.29
N ALA A 13 20.47 -6.80 -0.36
CA ALA A 13 19.69 -6.59 0.85
C ALA A 13 20.27 -5.48 1.71
N GLN A 14 21.60 -5.41 1.76
CA GLN A 14 22.30 -4.43 2.60
C GLN A 14 22.43 -3.06 1.95
N GLY A 15 22.19 -2.98 0.65
CA GLY A 15 22.37 -1.73 -0.07
C GLY A 15 23.84 -1.40 -0.28
N ARG A 16 24.64 -2.45 -0.48
CA ARG A 16 26.07 -2.28 -0.71
CA ARG A 16 26.06 -2.29 -0.71
C ARG A 16 26.34 -2.23 -2.21
N LEU A 17 26.12 -1.06 -2.81
CA LEU A 17 26.20 -0.90 -4.26
C LEU A 17 27.53 -1.32 -4.87
N LEU A 18 28.65 -0.94 -4.27
CA LEU A 18 29.94 -1.25 -4.86
C LEU A 18 30.19 -2.76 -4.88
N ALA A 19 29.86 -3.44 -3.78
CA ALA A 19 29.98 -4.90 -3.75
C ALA A 19 29.05 -5.55 -4.78
N LEU A 20 27.81 -5.05 -4.86
CA LEU A 20 26.85 -5.58 -5.81
C LEU A 20 27.35 -5.45 -7.25
N LYS A 21 27.82 -4.26 -7.62
CA LYS A 21 28.32 -4.02 -8.97
C LYS A 21 29.58 -4.83 -9.24
N THR A 22 30.39 -5.06 -8.22
CA THR A 22 31.61 -5.86 -8.38
C THR A 22 31.22 -7.29 -8.71
N LEU A 23 30.26 -7.83 -7.97
CA LEU A 23 29.78 -9.20 -8.20
C LEU A 23 29.15 -9.35 -9.59
N ILE A 24 28.36 -8.36 -10.00
CA ILE A 24 27.75 -8.38 -11.33
C ILE A 24 28.84 -8.41 -12.40
N ALA A 25 29.87 -7.59 -12.22
CA ALA A 25 30.97 -7.49 -13.17
C ALA A 25 31.73 -8.81 -13.30
N GLN A 26 31.78 -9.59 -12.22
CA GLN A 26 32.44 -10.89 -12.25
C GLN A 26 31.64 -11.94 -13.01
N GLY A 27 30.36 -11.66 -13.24
CA GLY A 27 29.51 -12.48 -14.07
C GLY A 27 28.54 -13.38 -13.33
N VAL A 28 28.25 -13.05 -12.06
CA VAL A 28 27.30 -13.85 -11.28
C VAL A 28 25.92 -13.77 -11.93
N ASN A 29 25.10 -14.78 -11.65
CA ASN A 29 23.75 -14.84 -12.20
C ASN A 29 22.80 -13.86 -11.50
N VAL A 30 22.47 -12.77 -12.19
CA VAL A 30 21.61 -11.73 -11.65
C VAL A 30 20.22 -12.27 -11.27
N ASN A 31 19.77 -13.28 -11.99
CA ASN A 31 18.39 -13.77 -11.85
C ASN A 31 18.24 -15.02 -10.99
N LEU A 32 19.32 -15.42 -10.32
CA LEU A 32 19.26 -16.54 -9.39
C LEU A 32 18.24 -16.26 -8.29
N VAL A 33 17.37 -17.24 -8.03
CA VAL A 33 16.37 -17.10 -6.98
C VAL A 33 16.55 -18.16 -5.89
N THR A 34 16.01 -17.87 -4.72
CA THR A 34 16.02 -18.81 -3.61
C THR A 34 14.91 -19.82 -3.80
N ILE A 35 14.75 -20.72 -2.82
CA ILE A 35 13.70 -21.73 -2.89
C ILE A 35 12.32 -21.06 -2.80
N ASN A 36 12.27 -19.88 -2.17
CA ASN A 36 11.04 -19.10 -2.13
C ASN A 36 10.93 -18.17 -3.34
N ARG A 37 11.78 -18.41 -4.34
CA ARG A 37 11.79 -17.66 -5.59
C ARG A 37 12.03 -16.16 -5.36
N VAL A 38 12.88 -15.86 -4.38
CA VAL A 38 13.30 -14.49 -4.12
C VAL A 38 14.58 -14.17 -4.88
N SER A 39 14.54 -13.13 -5.69
CA SER A 39 15.69 -12.65 -6.46
C SER A 39 16.43 -11.54 -5.70
N SER A 40 17.62 -11.20 -6.17
CA SER A 40 18.36 -10.09 -5.60
C SER A 40 17.59 -8.78 -5.74
N LEU A 41 16.86 -8.64 -6.85
CA LEU A 41 16.04 -7.44 -7.06
C LEU A 41 14.95 -7.33 -5.99
N HIS A 42 14.31 -8.45 -5.65
CA HIS A 42 13.34 -8.48 -4.56
C HIS A 42 13.95 -7.91 -3.28
N GLU A 43 15.17 -8.34 -2.96
CA GLU A 43 15.82 -7.93 -1.72
C GLU A 43 16.25 -6.45 -1.76
N ALA A 44 16.76 -5.98 -2.89
CA ALA A 44 17.10 -4.55 -3.01
C ALA A 44 15.86 -3.69 -2.81
N CYS A 45 14.75 -4.08 -3.41
CA CYS A 45 13.54 -3.26 -3.34
C CYS A 45 12.94 -3.28 -1.93
N LEU A 46 13.04 -4.42 -1.24
CA LEU A 46 12.54 -4.52 0.12
C LEU A 46 13.35 -3.63 1.06
N GLY A 47 14.62 -3.45 0.74
CA GLY A 47 15.49 -2.59 1.52
C GLY A 47 15.43 -1.13 1.08
N GLY A 48 14.71 -0.86 -0.01
CA GLY A 48 14.59 0.50 -0.54
C GLY A 48 15.85 1.01 -1.20
N HIS A 49 16.65 0.09 -1.76
CA HIS A 49 17.96 0.46 -2.31
C HIS A 49 17.88 0.67 -3.83
N VAL A 50 17.59 1.91 -4.23
CA VAL A 50 17.29 2.20 -5.63
C VAL A 50 18.48 2.00 -6.57
N ALA A 51 19.69 2.36 -6.13
CA ALA A 51 20.87 2.23 -6.98
C ALA A 51 21.16 0.77 -7.26
N CYS A 52 21.05 -0.07 -6.23
CA CYS A 52 21.22 -1.51 -6.41
C CYS A 52 20.13 -2.08 -7.32
N ALA A 53 18.89 -1.65 -7.11
CA ALA A 53 17.78 -2.10 -7.94
C ALA A 53 18.03 -1.77 -9.41
N LYS A 54 18.46 -0.54 -9.68
CA LYS A 54 18.66 -0.11 -11.06
C LYS A 54 19.81 -0.87 -11.72
N ALA A 55 20.88 -1.11 -10.97
CA ALA A 55 22.03 -1.85 -11.49
C ALA A 55 21.61 -3.27 -11.86
N LEU A 56 20.75 -3.87 -11.04
CA LEU A 56 20.23 -5.21 -11.31
C LEU A 56 19.33 -5.19 -12.56
N LEU A 57 18.48 -4.18 -12.66
CA LEU A 57 17.58 -4.03 -13.79
C LEU A 57 18.35 -3.81 -15.09
N GLU A 58 19.42 -3.02 -15.01
CA GLU A 58 20.27 -2.74 -16.16
C GLU A 58 20.94 -4.02 -16.69
N ASN A 59 21.09 -5.00 -15.80
CA ASN A 59 21.71 -6.27 -16.16
C ASN A 59 20.69 -7.40 -16.28
N GLY A 60 19.44 -7.03 -16.57
CA GLY A 60 18.44 -8.01 -16.98
C GLY A 60 17.60 -8.63 -15.88
N ALA A 61 17.57 -8.03 -14.69
CA ALA A 61 16.72 -8.53 -13.61
C ALA A 61 15.26 -8.51 -14.04
N HIS A 62 14.48 -9.48 -13.57
CA HIS A 62 13.06 -9.59 -13.92
C HIS A 62 12.21 -8.64 -13.08
N VAL A 63 11.76 -7.56 -13.70
CA VAL A 63 11.07 -6.49 -12.99
C VAL A 63 9.71 -6.93 -12.43
N ASN A 64 9.13 -7.98 -13.00
CA ASN A 64 7.81 -8.47 -12.57
C ASN A 64 7.88 -9.87 -11.96
N GLY A 65 9.06 -10.25 -11.47
CA GLY A 65 9.25 -11.55 -10.86
C GLY A 65 8.41 -11.75 -9.62
N VAL A 66 7.86 -12.95 -9.44
CA VAL A 66 6.95 -13.24 -8.34
C VAL A 66 7.53 -14.30 -7.41
N THR A 67 7.50 -14.02 -6.11
CA THR A 67 7.94 -14.97 -5.10
C THR A 67 6.85 -16.01 -4.84
N VAL A 68 7.19 -17.04 -4.08
CA VAL A 68 6.22 -18.09 -3.73
C VAL A 68 5.02 -17.50 -3.00
N HIS A 69 5.23 -16.41 -2.28
CA HIS A 69 4.17 -15.79 -1.51
C HIS A 69 3.44 -14.66 -2.26
N GLY A 70 3.78 -14.49 -3.54
CA GLY A 70 3.05 -13.57 -4.41
C GLY A 70 3.57 -12.15 -4.37
N ALA A 71 4.81 -11.98 -3.93
CA ALA A 71 5.43 -10.66 -3.86
C ALA A 71 6.19 -10.34 -5.14
N THR A 72 6.01 -9.12 -5.63
CA THR A 72 6.77 -8.58 -6.74
C THR A 72 7.77 -7.55 -6.21
N PRO A 73 8.76 -7.18 -7.04
CA PRO A 73 9.68 -6.11 -6.61
C PRO A 73 8.92 -4.83 -6.24
N LEU A 74 7.86 -4.52 -6.98
CA LEU A 74 7.08 -3.31 -6.72
C LEU A 74 6.40 -3.38 -5.36
N PHE A 75 5.83 -4.54 -5.01
CA PHE A 75 5.26 -4.71 -3.69
C PHE A 75 6.32 -4.46 -2.62
N ASN A 76 7.50 -5.06 -2.78
CA ASN A 76 8.57 -4.89 -1.81
C ASN A 76 8.99 -3.43 -1.70
N ALA A 77 9.02 -2.73 -2.83
CA ALA A 77 9.37 -1.32 -2.84
C ALA A 77 8.36 -0.51 -2.02
N CYS A 78 7.12 -0.94 -2.07
CA CYS A 78 6.05 -0.28 -1.32
C CYS A 78 6.10 -0.63 0.17
N CYS A 79 6.75 -1.75 0.50
CA CYS A 79 7.03 -2.07 1.89
C CYS A 79 8.07 -1.10 2.45
N SER A 80 9.11 -0.87 1.65
CA SER A 80 10.23 -0.04 2.07
C SER A 80 9.84 1.44 2.10
N GLY A 81 8.90 1.82 1.24
CA GLY A 81 8.49 3.21 1.14
C GLY A 81 9.45 4.06 0.32
N SER A 82 10.30 3.42 -0.48
CA SER A 82 11.20 4.13 -1.37
C SER A 82 10.52 4.53 -2.69
N ALA A 83 10.14 5.80 -2.80
CA ALA A 83 9.53 6.31 -4.02
C ALA A 83 10.47 6.17 -5.20
N ALA A 84 11.77 6.35 -4.95
CA ALA A 84 12.77 6.21 -5.98
C ALA A 84 12.75 4.79 -6.57
N CYS A 85 12.63 3.79 -5.70
CA CYS A 85 12.54 2.40 -6.15
C CYS A 85 11.27 2.17 -6.98
N VAL A 86 10.15 2.70 -6.48
CA VAL A 86 8.88 2.57 -7.20
C VAL A 86 9.04 3.15 -8.61
N ASN A 87 9.63 4.34 -8.70
CA ASN A 87 9.80 4.98 -10.00
C ASN A 87 10.67 4.16 -10.96
N VAL A 88 11.82 3.69 -10.51
CA VAL A 88 12.73 2.97 -11.41
C VAL A 88 12.10 1.65 -11.88
N LEU A 89 11.37 0.97 -10.98
CA LEU A 89 10.66 -0.25 -11.36
C LEU A 89 9.63 0.02 -12.45
N LEU A 90 8.85 1.09 -12.28
CA LEU A 90 7.85 1.47 -13.26
C LEU A 90 8.51 1.87 -14.59
N GLU A 91 9.69 2.50 -14.51
CA GLU A 91 10.42 2.87 -15.71
C GLU A 91 10.83 1.63 -16.49
N PHE A 92 11.17 0.56 -15.78
CA PHE A 92 11.61 -0.68 -16.41
C PHE A 92 10.45 -1.64 -16.68
N GLY A 93 9.22 -1.13 -16.59
CA GLY A 93 8.06 -1.88 -17.06
C GLY A 93 7.34 -2.68 -16.01
N ALA A 94 7.48 -2.28 -14.75
CA ALA A 94 6.73 -2.94 -13.67
C ALA A 94 5.24 -2.72 -13.87
N LYS A 95 4.45 -3.77 -13.66
CA LYS A 95 2.99 -3.68 -13.66
C LYS A 95 2.49 -3.08 -12.34
N ALA A 96 1.73 -1.99 -12.41
CA ALA A 96 1.35 -1.24 -11.23
C ALA A 96 0.21 -1.89 -10.44
N GLN A 97 -0.78 -2.42 -11.15
CA GLN A 97 -1.89 -3.14 -10.52
C GLN A 97 -1.86 -4.59 -11.01
N LEU A 98 -1.88 -5.52 -10.06
CA LEU A 98 -1.64 -6.93 -10.35
C LEU A 98 -2.90 -7.79 -10.25
N GLU A 99 -2.83 -9.00 -10.80
CA GLU A 99 -3.93 -9.96 -10.71
C GLU A 99 -4.20 -10.35 -9.25
N VAL A 100 -5.37 -10.94 -9.02
CA VAL A 100 -5.91 -11.09 -7.66
C VAL A 100 -5.04 -11.92 -6.71
N HIS A 101 -4.31 -12.91 -7.24
CA HIS A 101 -3.53 -13.79 -6.37
C HIS A 101 -2.13 -13.23 -6.08
N LEU A 102 -1.86 -12.00 -6.52
CA LEU A 102 -0.60 -11.34 -6.22
C LEU A 102 -0.81 -10.23 -5.19
N ALA A 103 0.20 -9.99 -4.35
CA ALA A 103 0.10 -8.99 -3.31
C ALA A 103 0.01 -7.59 -3.92
N SER A 104 -0.92 -6.78 -3.41
CA SER A 104 -1.20 -5.46 -3.98
C SER A 104 -0.24 -4.40 -3.45
N PRO A 105 0.52 -3.73 -4.36
CA PRO A 105 1.45 -2.71 -3.90
C PRO A 105 0.79 -1.50 -3.23
N ILE A 106 -0.28 -0.97 -3.81
CA ILE A 106 -0.85 0.27 -3.28
C ILE A 106 -1.44 0.05 -1.88
N HIS A 107 -2.03 -1.12 -1.62
CA HIS A 107 -2.64 -1.37 -0.31
C HIS A 107 -1.58 -1.48 0.78
N GLU A 108 -0.42 -2.05 0.45
CA GLU A 108 0.67 -2.11 1.41
C GLU A 108 1.26 -0.72 1.65
N ALA A 109 1.42 0.05 0.58
CA ALA A 109 1.94 1.41 0.71
C ALA A 109 1.06 2.24 1.65
N VAL A 110 -0.26 2.16 1.44
CA VAL A 110 -1.20 2.92 2.26
C VAL A 110 -1.15 2.44 3.70
N LYS A 111 -1.17 1.13 3.91
CA LYS A 111 -1.08 0.56 5.26
C LYS A 111 0.08 1.16 6.04
N ARG A 112 1.22 1.29 5.39
CA ARG A 112 2.44 1.80 6.03
C ARG A 112 2.54 3.32 6.03
N GLY A 113 1.58 4.00 5.42
CA GLY A 113 1.55 5.46 5.39
C GLY A 113 2.53 6.06 4.39
N HIS A 114 2.86 5.29 3.36
CA HIS A 114 3.78 5.77 2.32
C HIS A 114 3.03 6.53 1.23
N ARG A 115 2.68 7.77 1.54
CA ARG A 115 1.79 8.54 0.70
C ARG A 115 2.35 8.81 -0.69
N GLU A 116 3.63 9.11 -0.79
CA GLU A 116 4.22 9.41 -2.09
C GLU A 116 4.16 8.17 -3.01
N CYS A 117 4.50 7.01 -2.46
CA CYS A 117 4.40 5.77 -3.23
C CYS A 117 2.97 5.55 -3.72
N MET A 118 2.00 5.82 -2.86
CA MET A 118 0.58 5.74 -3.22
C MET A 118 0.27 6.63 -4.41
N GLU A 119 0.70 7.89 -4.34
CA GLU A 119 0.40 8.86 -5.39
C GLU A 119 1.03 8.47 -6.72
N ILE A 120 2.25 7.96 -6.68
CA ILE A 120 2.93 7.51 -7.90
C ILE A 120 2.13 6.39 -8.56
N LEU A 121 1.65 5.44 -7.76
CA LEU A 121 0.87 4.32 -8.30
C LEU A 121 -0.45 4.81 -8.91
N LEU A 122 -1.10 5.76 -8.24
CA LEU A 122 -2.33 6.32 -8.78
C LEU A 122 -2.04 7.08 -10.07
N ALA A 123 -0.90 7.77 -10.13
CA ALA A 123 -0.50 8.47 -11.33
C ALA A 123 -0.23 7.49 -12.48
N ASN A 124 0.07 6.24 -12.12
CA ASN A 124 0.31 5.20 -13.11
C ASN A 124 -0.92 4.32 -13.31
N ASN A 125 -2.08 4.91 -13.02
CA ASN A 125 -3.38 4.36 -13.39
C ASN A 125 -3.81 3.10 -12.63
N VAL A 126 -3.37 2.98 -11.38
CA VAL A 126 -3.97 2.00 -10.48
C VAL A 126 -5.35 2.52 -10.09
N ASN A 127 -6.35 1.64 -10.10
CA ASN A 127 -7.72 2.01 -9.73
C ASN A 127 -7.78 2.54 -8.30
N ILE A 128 -8.15 3.79 -8.13
CA ILE A 128 -8.18 4.41 -6.82
C ILE A 128 -9.17 3.69 -5.89
N ASP A 129 -10.17 3.03 -6.49
CA ASP A 129 -11.18 2.29 -5.72
C ASP A 129 -10.97 0.77 -5.81
N HIS A 130 -9.73 0.34 -6.01
CA HIS A 130 -9.44 -1.09 -6.13
C HIS A 130 -9.70 -1.83 -4.84
N GLU A 131 -10.78 -2.62 -4.79
CA GLU A 131 -11.09 -3.40 -3.59
C GLU A 131 -10.48 -4.79 -3.66
N VAL A 132 -9.39 -5.00 -2.92
CA VAL A 132 -8.83 -6.32 -2.77
C VAL A 132 -9.71 -7.10 -1.79
N PRO A 133 -10.16 -8.31 -2.18
CA PRO A 133 -11.04 -9.06 -1.28
C PRO A 133 -10.49 -9.19 0.13
N GLN A 134 -11.33 -8.87 1.11
CA GLN A 134 -11.01 -8.96 2.54
C GLN A 134 -10.02 -7.89 3.05
N LEU A 135 -9.37 -7.17 2.14
CA LEU A 135 -8.50 -6.05 2.53
C LEU A 135 -9.22 -4.72 2.40
N GLY A 136 -10.04 -4.60 1.36
CA GLY A 136 -10.78 -3.39 1.10
C GLY A 136 -10.11 -2.50 0.08
N THR A 137 -10.65 -1.30 -0.06
CA THR A 137 -10.11 -0.29 -0.94
C THR A 137 -8.92 0.42 -0.28
N PRO A 138 -8.15 1.18 -1.07
CA PRO A 138 -7.07 1.98 -0.46
C PRO A 138 -7.58 2.91 0.63
N LEU A 139 -8.74 3.53 0.42
CA LEU A 139 -9.29 4.43 1.44
C LEU A 139 -9.61 3.66 2.72
N TYR A 140 -10.16 2.46 2.58
CA TYR A 140 -10.48 1.63 3.73
C TYR A 140 -9.24 1.27 4.53
N VAL A 141 -8.17 0.91 3.84
CA VAL A 141 -6.89 0.61 4.49
C VAL A 141 -6.37 1.84 5.21
N ALA A 142 -6.41 2.99 4.54
CA ALA A 142 -5.96 4.25 5.13
C ALA A 142 -6.68 4.54 6.44
N CYS A 143 -7.99 4.32 6.44
CA CYS A 143 -8.80 4.56 7.63
C CYS A 143 -8.52 3.54 8.73
N THR A 144 -8.28 2.30 8.35
CA THR A 144 -7.97 1.25 9.33
C THR A 144 -6.69 1.56 10.09
N TYR A 145 -5.71 2.16 9.41
CA TYR A 145 -4.39 2.41 10.01
C TYR A 145 -4.13 3.89 10.33
N GLN A 146 -5.19 4.69 10.32
CA GLN A 146 -5.13 6.08 10.80
C GLN A 146 -4.15 6.94 10.01
N ARG A 147 -4.10 6.71 8.70
CA ARG A 147 -3.20 7.46 7.82
C ARG A 147 -3.88 8.71 7.30
N VAL A 148 -3.84 9.77 8.11
CA VAL A 148 -4.62 10.97 7.84
C VAL A 148 -4.30 11.59 6.49
N ASP A 149 -3.01 11.76 6.20
CA ASP A 149 -2.60 12.38 4.94
C ASP A 149 -3.05 11.54 3.74
N CYS A 150 -2.98 10.22 3.87
CA CYS A 150 -3.43 9.34 2.79
C CYS A 150 -4.95 9.42 2.60
N VAL A 151 -5.68 9.49 3.70
CA VAL A 151 -7.13 9.66 3.65
C VAL A 151 -7.47 10.95 2.92
N LYS A 152 -6.83 12.05 3.32
CA LYS A 152 -7.10 13.35 2.72
C LYS A 152 -6.83 13.35 1.22
N LYS A 153 -5.67 12.82 0.84
CA LYS A 153 -5.26 12.78 -0.56
C LYS A 153 -6.19 11.91 -1.41
N LEU A 154 -6.54 10.74 -0.91
CA LEU A 154 -7.43 9.83 -1.62
C LEU A 154 -8.80 10.46 -1.87
N LEU A 155 -9.35 11.12 -0.86
CA LEU A 155 -10.64 11.79 -0.98
C LEU A 155 -10.55 12.92 -2.02
N GLU A 156 -9.48 13.70 -1.96
CA GLU A 156 -9.27 14.79 -2.90
C GLU A 156 -9.14 14.30 -4.33
N LEU A 157 -8.59 13.11 -4.52
CA LEU A 157 -8.42 12.52 -5.84
C LEU A 157 -9.68 11.83 -6.35
N GLY A 158 -10.72 11.78 -5.50
CA GLY A 158 -12.02 11.30 -5.91
C GLY A 158 -12.36 9.87 -5.50
N ALA A 159 -11.66 9.35 -4.50
CA ALA A 159 -11.96 8.03 -3.98
C ALA A 159 -13.40 7.95 -3.47
N SER A 160 -14.10 6.86 -3.80
CA SER A 160 -15.47 6.67 -3.35
CA SER A 160 -15.47 6.67 -3.35
C SER A 160 -15.51 6.56 -1.83
N VAL A 161 -16.15 7.53 -1.19
CA VAL A 161 -16.10 7.66 0.27
C VAL A 161 -16.69 6.45 1.01
N ASP A 162 -17.70 5.80 0.43
CA ASP A 162 -18.38 4.70 1.11
C ASP A 162 -17.89 3.31 0.69
N HIS A 163 -16.95 3.27 -0.26
CA HIS A 163 -16.43 2.00 -0.76
C HIS A 163 -15.30 1.48 0.12
N GLY A 164 -15.55 0.38 0.82
CA GLY A 164 -14.60 -0.15 1.78
C GLY A 164 -14.28 -1.62 1.60
N GLN A 165 -14.68 -2.43 2.58
CA GLN A 165 -14.52 -3.89 2.53
C GLN A 165 -15.92 -4.51 2.56
N TRP A 166 -16.44 -4.78 1.37
CA TRP A 166 -17.84 -5.14 1.15
C TRP A 166 -18.75 -4.15 1.90
N LEU A 167 -19.42 -4.60 2.98
CA LEU A 167 -20.37 -3.73 3.68
C LEU A 167 -19.74 -2.85 4.77
N ASP A 168 -18.47 -3.12 5.08
CA ASP A 168 -17.74 -2.29 6.05
C ASP A 168 -17.17 -1.08 5.33
N THR A 169 -17.76 0.09 5.56
CA THR A 169 -17.32 1.30 4.89
C THR A 169 -16.05 1.83 5.57
N PRO A 170 -15.32 2.73 4.88
CA PRO A 170 -14.17 3.39 5.51
C PRO A 170 -14.53 4.06 6.84
N LEU A 171 -15.74 4.57 6.95
CA LEU A 171 -16.18 5.19 8.20
C LEU A 171 -16.31 4.16 9.32
N HIS A 172 -16.80 2.97 8.98
CA HIS A 172 -16.87 1.88 9.97
C HIS A 172 -15.48 1.55 10.48
N ALA A 173 -14.51 1.45 9.56
CA ALA A 173 -13.13 1.18 9.93
C ALA A 173 -12.58 2.30 10.82
N ALA A 174 -12.86 3.54 10.45
CA ALA A 174 -12.38 4.68 11.22
C ALA A 174 -12.98 4.72 12.61
N ALA A 175 -14.23 4.27 12.74
CA ALA A 175 -14.94 4.27 14.01
C ALA A 175 -14.29 3.32 15.03
N ARG A 176 -13.63 2.28 14.53
CA ARG A 176 -12.96 1.32 15.40
C ARG A 176 -11.59 1.81 15.87
N GLN A 177 -11.09 2.87 15.24
CA GLN A 177 -9.78 3.43 15.58
C GLN A 177 -9.94 4.64 16.49
N SER A 178 -8.89 5.46 16.56
CA SER A 178 -8.83 6.55 17.53
C SER A 178 -8.51 7.91 16.90
N ASN A 179 -8.75 8.04 15.59
CA ASN A 179 -8.42 9.28 14.88
C ASN A 179 -9.65 10.09 14.49
N VAL A 180 -9.81 11.23 15.15
CA VAL A 180 -10.93 12.13 14.94
C VAL A 180 -10.84 12.85 13.59
N GLU A 181 -9.63 13.24 13.19
CA GLU A 181 -9.46 13.95 11.92
C GLU A 181 -10.02 13.13 10.75
N VAL A 182 -9.81 11.82 10.78
CA VAL A 182 -10.32 10.95 9.73
C VAL A 182 -11.85 10.92 9.70
N ILE A 183 -12.48 10.90 10.87
CA ILE A 183 -13.94 10.94 10.96
C ILE A 183 -14.50 12.19 10.28
N HIS A 184 -13.94 13.36 10.58
CA HIS A 184 -14.46 14.60 10.00
C HIS A 184 -14.16 14.70 8.50
N LEU A 185 -13.01 14.20 8.08
CA LEU A 185 -12.66 14.19 6.67
C LEU A 185 -13.64 13.34 5.86
N LEU A 186 -13.92 12.13 6.33
CA LEU A 186 -14.89 11.26 5.67
C LEU A 186 -16.27 11.90 5.62
N THR A 187 -16.71 12.45 6.75
CA THR A 187 -18.00 13.10 6.83
C THR A 187 -18.07 14.30 5.88
N ASP A 188 -17.00 15.10 5.86
CA ASP A 188 -16.94 16.27 4.99
C ASP A 188 -17.07 15.88 3.51
N TYR A 189 -16.62 14.68 3.17
CA TYR A 189 -16.67 14.18 1.80
C TYR A 189 -17.88 13.27 1.54
N GLY A 190 -18.86 13.34 2.43
CA GLY A 190 -20.18 12.77 2.16
C GLY A 190 -20.43 11.35 2.65
N ALA A 191 -19.64 10.90 3.62
CA ALA A 191 -19.83 9.56 4.17
C ALA A 191 -21.22 9.42 4.77
N ASN A 192 -21.83 8.26 4.56
CA ASN A 192 -23.14 7.95 5.13
C ASN A 192 -23.01 7.47 6.57
N LEU A 193 -23.38 8.32 7.53
CA LEU A 193 -23.17 8.00 8.94
C LEU A 193 -24.19 7.01 9.49
N LYS A 194 -25.25 6.74 8.73
CA LYS A 194 -26.34 5.92 9.23
C LYS A 194 -26.25 4.45 8.80
N ARG A 195 -25.64 4.18 7.63
CA ARG A 195 -25.72 2.84 7.07
C ARG A 195 -24.98 1.81 7.93
N ARG A 196 -25.54 0.60 7.94
CA ARG A 196 -25.04 -0.48 8.79
C ARG A 196 -24.23 -1.48 7.99
N ASN A 197 -23.29 -2.14 8.66
CA ASN A 197 -22.42 -3.12 8.03
C ASN A 197 -22.95 -4.55 8.17
N ALA A 198 -22.10 -5.53 7.91
CA ALA A 198 -22.50 -6.93 7.89
C ALA A 198 -22.89 -7.45 9.28
N GLN A 199 -22.44 -6.76 10.32
CA GLN A 199 -22.81 -7.12 11.68
C GLN A 199 -24.02 -6.30 12.16
N GLY A 200 -24.58 -5.52 11.23
CA GLY A 200 -25.74 -4.69 11.54
C GLY A 200 -25.40 -3.46 12.36
N LYS A 201 -24.12 -3.08 12.34
CA LYS A 201 -23.63 -1.95 13.15
C LYS A 201 -23.43 -0.69 12.32
N SER A 202 -23.85 0.45 12.86
CA SER A 202 -23.49 1.75 12.32
C SER A 202 -22.10 2.13 12.82
N ALA A 203 -21.50 3.14 12.21
CA ALA A 203 -20.20 3.63 12.66
C ALA A 203 -20.29 4.05 14.13
N LEU A 204 -21.35 4.75 14.49
CA LEU A 204 -21.54 5.18 15.88
C LEU A 204 -21.58 3.98 16.82
N ASP A 205 -22.27 2.90 16.42
CA ASP A 205 -22.33 1.68 17.22
C ASP A 205 -20.94 1.13 17.52
N LEU A 206 -20.03 1.27 16.55
CA LEU A 206 -18.69 0.69 16.66
C LEU A 206 -17.75 1.52 17.52
N ALA A 207 -18.02 2.80 17.66
CA ALA A 207 -17.14 3.70 18.39
C ALA A 207 -17.11 3.35 19.87
N ALA A 208 -15.93 3.49 20.48
CA ALA A 208 -15.77 3.22 21.91
C ALA A 208 -16.54 4.26 22.73
N PRO A 209 -17.32 3.79 23.73
CA PRO A 209 -18.10 4.73 24.56
C PRO A 209 -17.24 5.84 25.18
N LYS A 210 -17.78 7.05 25.16
CA LYS A 210 -17.14 8.22 25.78
C LYS A 210 -15.79 8.56 25.14
N SER A 211 -15.54 8.05 23.93
CA SER A 211 -14.30 8.35 23.23
C SER A 211 -14.45 9.60 22.38
N SER A 212 -13.32 10.17 21.96
CA SER A 212 -13.32 11.33 21.10
C SER A 212 -13.88 11.00 19.72
N VAL A 213 -13.61 9.79 19.24
CA VAL A 213 -14.16 9.34 17.97
C VAL A 213 -15.69 9.25 18.06
N GLU A 214 -16.20 8.68 19.15
CA GLU A 214 -17.64 8.63 19.36
C GLU A 214 -18.24 10.04 19.39
N GLN A 215 -17.55 10.95 20.08
CA GLN A 215 -18.01 12.33 20.17
C GLN A 215 -18.12 12.94 18.78
N ALA A 216 -17.12 12.70 17.94
CA ALA A 216 -17.10 13.24 16.59
C ALA A 216 -18.30 12.75 15.80
N LEU A 217 -18.58 11.46 15.89
CA LEU A 217 -19.70 10.87 15.18
C LEU A 217 -21.03 11.43 15.67
N LEU A 218 -21.14 11.63 16.98
CA LEU A 218 -22.35 12.19 17.56
C LEU A 218 -22.58 13.63 17.08
N LEU A 219 -21.49 14.39 16.95
CA LEU A 219 -21.58 15.80 16.56
C LEU A 219 -21.95 15.98 15.08
N ARG A 220 -21.63 15.00 14.26
CA ARG A 220 -21.84 15.09 12.81
C ARG A 220 -23.11 14.39 12.34
N GLU A 221 -23.66 13.52 13.18
CA GLU A 221 -24.84 12.76 12.80
C GLU A 221 -26.08 13.67 12.76
N GLY A 222 -26.75 13.68 11.62
CA GLY A 222 -27.95 14.49 11.46
C GLY A 222 -29.10 13.95 12.29
N PRO A 223 -30.15 14.78 12.48
CA PRO A 223 -31.30 14.35 13.28
C PRO A 223 -32.11 13.27 12.58
N PRO A 224 -33.04 12.62 13.31
CA PRO A 224 -33.92 11.62 12.70
C PRO A 224 -34.65 12.19 11.48
N ALA A 225 -34.63 11.44 10.37
CA ALA A 225 -35.28 11.88 9.13
C ALA A 225 -36.76 11.56 9.16
#